data_2BX2
#
_entry.id   2BX2
#
_cell.length_a   195.838
_cell.length_b   195.838
_cell.length_c   143.569
_cell.angle_alpha   90.00
_cell.angle_beta   90.00
_cell.angle_gamma   120.00
#
_symmetry.space_group_name_H-M   'P 62 2 2'
#
loop_
_entity.id
_entity.type
_entity.pdbx_description
1 polymer 'RIBONUCLEASE E'
2 polymer "RNA (5'-R(*UP*UP*UP*AP*CP*AP*GP*UP*AP*UP*UP* UP*GP*UP*U)-3')"
3 non-polymer 'MAGNESIUM ION'
4 non-polymer 'ZINC ION'
5 water water
#
loop_
_entity_poly.entity_id
_entity_poly.type
_entity_poly.pdbx_seq_one_letter_code
_entity_poly.pdbx_strand_id
1 'polypeptide(L)'
;AHIEGRHMKRMLINATQQEELRVALVDGQRLYDLDIESPGHEQKKANIYKGKITRIEPSLEAAFVDYGAERHGFLPLKEI
AREYFPANYSAHGRPNIKDVLREGQEVIVQIDKEERGNKGAALTTFISLAGSYLVLMPNNPRAGGISRRIEGDDRTELKE
ALASLELPEGMGLIVRTAGVGKSAEALQWDLSFRLKHWEAIKKAAESRPAPFLIHQESNVIVRAFRDYLRQDIGEILIDN
PKVLELARQHIAALGRPDFSSKIKLYTGEIPLFSHYQIESQIESAFQREVRLPSGGSIVIDSTEALTAIDINSARATRGG
DIEETAFNTNLEAADEIARQLRLRDLGGLIVIDFIDMTPVRHQRAVENRLREAVRQDRARIQISHISRFGLLEMSRQRLS
PSLGESSHHVCPRCSGTGTVRDNESLSLSILRLIEEEALKENTQEVHAIVPVPIASYLLNEKRSAVNAIETRQDGVRCVI
VPNDQMETPHYHVLRVRKGEETPTLSYMLPKLHEEAM
;
L
2 'polyribonucleotide' UUUACAGUAUUUGUU R
#
# COMPACT_ATOMS: atom_id res chain seq x y z
N ALA A 1 -23.00 -19.74 4.67
CA ALA A 1 -22.47 -21.03 4.15
C ALA A 1 -21.90 -20.89 2.72
N HIS A 2 -21.11 -19.84 2.49
CA HIS A 2 -20.61 -19.54 1.15
C HIS A 2 -19.92 -20.73 0.46
N ILE A 3 -20.33 -20.99 -0.78
CA ILE A 3 -19.65 -21.96 -1.66
C ILE A 3 -19.37 -21.35 -3.02
N GLU A 4 -18.14 -21.42 -3.48
CA GLU A 4 -17.88 -20.79 -4.76
C GLU A 4 -18.62 -21.50 -5.86
N GLY A 5 -19.40 -20.75 -6.63
CA GLY A 5 -20.22 -21.30 -7.69
C GLY A 5 -21.69 -21.02 -7.47
N ARG A 6 -22.16 -21.08 -6.23
CA ARG A 6 -23.58 -20.90 -6.00
C ARG A 6 -24.17 -19.67 -6.69
N HIS A 7 -23.74 -18.47 -6.29
CA HIS A 7 -24.29 -17.25 -6.85
C HIS A 7 -23.46 -16.71 -7.99
N MET A 8 -24.03 -15.80 -8.79
CA MET A 8 -23.26 -15.09 -9.81
C MET A 8 -22.13 -14.29 -9.19
N LYS A 9 -20.96 -14.34 -9.81
CA LYS A 9 -19.90 -13.38 -9.53
C LYS A 9 -20.18 -12.16 -10.40
N ARG A 10 -20.11 -10.95 -9.86
CA ARG A 10 -20.32 -9.76 -10.70
C ARG A 10 -19.24 -8.72 -10.51
N MET A 11 -19.06 -7.87 -11.52
CA MET A 11 -18.18 -6.72 -11.36
C MET A 11 -19.04 -5.47 -11.20
N LEU A 12 -19.02 -4.84 -10.04
CA LEU A 12 -19.83 -3.66 -9.82
C LEU A 12 -18.95 -2.43 -9.95
N ILE A 13 -19.31 -1.51 -10.84
CA ILE A 13 -18.56 -0.28 -10.99
C ILE A 13 -19.39 0.91 -10.57
N ASN A 14 -19.03 1.53 -9.45
CA ASN A 14 -19.77 2.67 -8.94
C ASN A 14 -19.09 3.96 -9.34
N ALA A 15 -19.69 4.71 -10.26
CA ALA A 15 -19.03 5.90 -10.81
C ALA A 15 -19.93 7.13 -10.80
N THR A 16 -20.78 7.24 -9.80
CA THR A 16 -21.60 8.43 -9.66
C THR A 16 -20.92 9.60 -8.97
N GLN A 17 -19.74 9.39 -8.39
CA GLN A 17 -19.05 10.41 -7.59
C GLN A 17 -17.71 10.76 -8.24
N GLN A 18 -17.54 12.00 -8.69
CA GLN A 18 -16.31 12.33 -9.41
C GLN A 18 -15.06 11.96 -8.60
N GLU A 19 -15.09 12.14 -7.29
CA GLU A 19 -13.86 12.06 -6.56
C GLU A 19 -13.37 10.67 -6.11
N GLU A 20 -14.13 9.64 -6.44
CA GLU A 20 -13.72 8.29 -6.05
C GLU A 20 -14.44 7.30 -6.94
N LEU A 21 -13.73 6.74 -7.91
CA LEU A 21 -14.23 5.71 -8.83
C LEU A 21 -14.03 4.31 -8.22
N ARG A 22 -15.09 3.55 -8.01
CA ARG A 22 -14.91 2.27 -7.29
C ARG A 22 -15.27 1.02 -8.10
N VAL A 23 -14.38 0.02 -8.06
CA VAL A 23 -14.67 -1.22 -8.75
C VAL A 23 -14.66 -2.43 -7.83
N ALA A 24 -15.78 -3.15 -7.75
CA ALA A 24 -15.87 -4.25 -6.79
C ALA A 24 -16.16 -5.56 -7.48
N LEU A 25 -15.44 -6.61 -7.11
CA LEU A 25 -15.88 -7.94 -7.50
C LEU A 25 -16.72 -8.49 -6.36
N VAL A 26 -17.95 -8.82 -6.69
CA VAL A 26 -18.85 -9.38 -5.72
C VAL A 26 -19.32 -10.78 -6.12
N ASP A 27 -19.44 -11.65 -5.13
CA ASP A 27 -19.93 -12.97 -5.37
C ASP A 27 -21.25 -13.10 -4.60
N GLY A 28 -22.37 -13.16 -5.31
CA GLY A 28 -23.66 -12.99 -4.66
C GLY A 28 -23.66 -11.61 -4.03
N GLN A 29 -23.75 -11.54 -2.72
CA GLN A 29 -23.59 -10.27 -2.01
C GLN A 29 -22.30 -10.24 -1.19
N ARG A 30 -21.36 -11.11 -1.51
CA ARG A 30 -20.12 -11.21 -0.76
C ARG A 30 -18.98 -10.49 -1.50
N LEU A 31 -18.57 -9.36 -0.95
CA LEU A 31 -17.49 -8.59 -1.56
C LEU A 31 -16.21 -9.40 -1.43
N TYR A 32 -15.50 -9.61 -2.55
CA TYR A 32 -14.22 -10.29 -2.43
C TYR A 32 -13.04 -9.53 -3.05
N ASP A 33 -13.33 -8.42 -3.71
CA ASP A 33 -12.26 -7.54 -4.11
C ASP A 33 -12.72 -6.14 -4.41
N LEU A 34 -11.84 -5.17 -4.19
CA LEU A 34 -12.19 -3.78 -4.32
C LEU A 34 -11.08 -2.96 -4.95
N ASP A 35 -11.46 -1.98 -5.74
CA ASP A 35 -10.47 -1.08 -6.24
C ASP A 35 -11.05 0.30 -6.33
N ILE A 36 -10.27 1.30 -5.94
CA ILE A 36 -10.81 2.63 -5.77
C ILE A 36 -9.83 3.56 -6.38
N GLU A 37 -10.31 4.43 -7.28
CA GLU A 37 -9.44 5.41 -7.93
C GLU A 37 -10.04 6.81 -7.85
N SER A 38 -9.18 7.79 -7.64
CA SER A 38 -9.61 9.18 -7.59
C SER A 38 -8.67 10.08 -8.38
N PRO A 39 -9.24 11.11 -9.02
CA PRO A 39 -8.45 12.07 -9.79
C PRO A 39 -7.21 12.53 -9.02
N GLY A 40 -6.08 12.61 -9.70
CA GLY A 40 -4.85 13.12 -9.09
C GLY A 40 -3.98 12.00 -8.57
N HIS A 41 -4.49 11.24 -7.61
CA HIS A 41 -3.77 10.09 -7.07
C HIS A 41 -3.85 8.90 -8.00
N GLU A 42 -3.69 9.14 -9.29
CA GLU A 42 -3.69 8.07 -10.31
C GLU A 42 -2.47 7.13 -10.17
N GLN A 43 -2.60 5.89 -10.65
CA GLN A 43 -1.53 4.87 -10.53
C GLN A 43 -0.26 5.11 -11.38
N LYS A 44 0.91 4.79 -10.82
CA LYS A 44 2.19 4.99 -11.50
C LYS A 44 2.96 3.69 -11.80
N LYS A 45 2.48 2.59 -11.23
CA LYS A 45 3.08 1.28 -11.48
C LYS A 45 2.85 0.85 -12.94
N ALA A 46 3.93 0.50 -13.62
CA ALA A 46 3.85 -0.03 -14.97
C ALA A 46 3.76 1.09 -16.00
N ASN A 47 4.03 2.31 -15.55
CA ASN A 47 4.49 3.37 -16.44
C ASN A 47 5.88 3.09 -17.00
N ILE A 48 6.17 3.67 -18.15
CA ILE A 48 7.49 3.53 -18.77
C ILE A 48 8.09 4.90 -19.07
N TYR A 49 9.39 5.02 -18.82
CA TYR A 49 10.08 6.29 -18.98
C TYR A 49 11.40 6.17 -19.75
N LYS A 50 11.95 7.32 -20.15
CA LYS A 50 13.33 7.41 -20.60
C LYS A 50 14.12 8.05 -19.48
N GLY A 51 14.88 7.24 -18.75
CA GLY A 51 15.62 7.71 -17.59
C GLY A 51 17.12 7.80 -17.80
N LYS A 52 17.75 8.75 -17.13
CA LYS A 52 19.20 8.91 -17.15
C LYS A 52 19.79 8.43 -15.82
N ILE A 53 20.87 7.65 -15.92
CA ILE A 53 21.54 7.12 -14.75
C ILE A 53 22.19 8.23 -13.91
N THR A 54 21.68 8.40 -12.69
CA THR A 54 22.18 9.41 -11.76
C THR A 54 23.53 9.01 -11.16
N ARG A 55 23.48 8.07 -10.22
CA ARG A 55 24.68 7.62 -9.51
C ARG A 55 24.75 6.09 -9.42
N ILE A 56 25.96 5.55 -9.48
CA ILE A 56 26.14 4.10 -9.47
C ILE A 56 26.57 3.57 -8.10
N GLU A 57 26.37 2.27 -7.88
CA GLU A 57 26.67 1.66 -6.59
C GLU A 57 27.11 0.20 -6.76
N PRO A 58 28.42 -0.04 -6.70
CA PRO A 58 28.82 -1.45 -6.70
C PRO A 58 28.36 -2.03 -5.37
N SER A 59 28.30 -1.17 -4.35
CA SER A 59 27.96 -1.61 -3.00
C SER A 59 26.64 -2.40 -3.00
N LEU A 60 25.67 -1.90 -3.75
CA LEU A 60 24.33 -2.49 -3.75
C LEU A 60 24.05 -3.24 -5.04
N GLU A 61 25.01 -3.20 -5.96
CA GLU A 61 24.91 -3.95 -7.21
C GLU A 61 23.82 -3.37 -8.11
N ALA A 62 23.47 -2.11 -7.86
CA ALA A 62 22.44 -1.44 -8.66
C ALA A 62 22.75 0.05 -8.81
N ALA A 63 21.85 0.78 -9.45
CA ALA A 63 22.10 2.17 -9.79
C ALA A 63 20.79 2.97 -9.79
N PHE A 64 20.93 4.29 -9.76
CA PHE A 64 19.77 5.18 -9.63
C PHE A 64 19.40 5.92 -10.91
N VAL A 65 18.10 6.13 -11.10
CA VAL A 65 17.61 6.71 -12.32
C VAL A 65 16.78 7.96 -12.09
N ASP A 66 17.09 9.01 -12.84
CA ASP A 66 16.18 10.13 -12.90
C ASP A 66 15.19 9.84 -14.01
N TYR A 67 14.01 9.36 -13.64
CA TYR A 67 12.99 9.14 -14.65
C TYR A 67 12.06 10.35 -14.74
N GLY A 68 12.17 11.25 -13.77
CA GLY A 68 11.61 12.59 -13.90
C GLY A 68 10.83 13.00 -12.67
N ALA A 69 10.68 12.08 -11.72
CA ALA A 69 10.21 12.42 -10.39
C ALA A 69 11.16 13.37 -9.67
N GLU A 70 10.67 14.04 -8.65
CA GLU A 70 11.53 14.76 -7.71
C GLU A 70 12.54 13.83 -7.06
N ARG A 71 12.16 12.57 -6.89
CA ARG A 71 13.05 11.56 -6.34
C ARG A 71 13.40 10.49 -7.36
N HIS A 72 14.65 10.03 -7.33
CA HIS A 72 15.13 9.09 -8.33
C HIS A 72 14.76 7.66 -7.99
N GLY A 73 14.59 6.86 -9.04
CA GLY A 73 14.24 5.46 -8.90
C GLY A 73 15.46 4.57 -8.71
N PHE A 74 15.20 3.32 -8.31
CA PHE A 74 16.24 2.37 -7.95
C PHE A 74 16.28 1.26 -8.98
N LEU A 75 17.46 0.98 -9.55
CA LEU A 75 17.56 0.01 -10.63
C LEU A 75 18.61 -1.09 -10.40
N PRO A 76 18.18 -2.27 -9.92
CA PRO A 76 19.05 -3.39 -9.53
C PRO A 76 19.83 -4.00 -10.70
N LEU A 77 20.98 -4.61 -10.39
CA LEU A 77 21.82 -5.23 -11.42
C LEU A 77 21.06 -6.31 -12.20
N LYS A 78 20.38 -7.21 -11.48
CA LYS A 78 19.66 -8.30 -12.12
C LYS A 78 18.63 -7.80 -13.13
N GLU A 79 18.42 -6.48 -13.16
CA GLU A 79 17.36 -5.89 -13.98
C GLU A 79 17.85 -5.16 -15.24
N ILE A 80 19.17 -5.00 -15.40
CA ILE A 80 19.72 -4.33 -16.58
C ILE A 80 19.81 -5.28 -17.77
N ALA A 81 19.34 -4.82 -18.93
CA ALA A 81 19.27 -5.64 -20.14
C ALA A 81 20.61 -5.84 -20.86
N ARG A 82 20.91 -7.07 -21.25
CA ARG A 82 22.14 -7.39 -21.97
C ARG A 82 22.37 -6.42 -23.13
N GLU A 83 21.27 -5.94 -23.71
CA GLU A 83 21.31 -4.97 -24.80
C GLU A 83 21.72 -3.55 -24.34
N TYR A 84 21.57 -3.27 -23.05
CA TYR A 84 21.94 -1.96 -22.52
C TYR A 84 23.39 -1.94 -22.01
N PHE A 85 24.04 -3.11 -22.03
CA PHE A 85 25.40 -3.26 -21.53
C PHE A 85 26.42 -3.28 -22.67
N PRO A 86 27.07 -2.13 -22.93
CA PRO A 86 28.09 -2.07 -23.98
C PRO A 86 28.88 -3.37 -24.10
N ARG A 94 29.68 -13.19 -13.30
CA ARG A 94 28.95 -11.97 -12.81
C ARG A 94 29.88 -10.78 -12.60
N PRO A 95 29.48 -9.60 -13.12
CA PRO A 95 30.28 -8.38 -13.07
C PRO A 95 29.79 -7.41 -11.99
N ASN A 96 30.46 -6.27 -11.87
CA ASN A 96 30.00 -5.17 -11.02
C ASN A 96 29.16 -4.21 -11.86
N ILE A 97 28.26 -3.46 -11.21
CA ILE A 97 27.45 -2.49 -11.93
C ILE A 97 28.35 -1.36 -12.43
N LYS A 98 29.42 -1.10 -11.68
CA LYS A 98 30.42 -0.12 -12.09
C LYS A 98 30.94 -0.45 -13.49
N ASP A 99 30.64 -1.65 -13.95
CA ASP A 99 31.17 -2.16 -15.22
C ASP A 99 30.19 -2.03 -16.39
N VAL A 100 28.91 -1.94 -16.10
CA VAL A 100 27.88 -2.02 -17.15
C VAL A 100 27.34 -0.68 -17.63
N LEU A 101 26.88 0.16 -16.70
CA LEU A 101 26.28 1.44 -17.05
C LEU A 101 27.21 2.62 -16.69
N ARG A 102 27.08 3.71 -17.45
CA ARG A 102 27.79 4.95 -17.12
C ARG A 102 26.86 5.94 -16.42
N GLU A 103 27.46 6.94 -15.79
CA GLU A 103 26.70 8.06 -15.25
C GLU A 103 26.23 9.00 -16.37
N GLY A 104 24.93 9.26 -16.40
CA GLY A 104 24.35 10.15 -17.40
C GLY A 104 23.83 9.40 -18.61
N GLN A 105 23.78 8.07 -18.50
CA GLN A 105 23.48 7.22 -19.65
C GLN A 105 21.99 6.94 -19.74
N GLU A 106 21.40 7.24 -20.89
CA GLU A 106 19.96 7.06 -21.09
C GLU A 106 19.59 5.58 -21.02
N VAL A 107 18.31 5.27 -20.79
CA VAL A 107 17.87 3.87 -20.71
C VAL A 107 16.33 3.70 -20.60
N ILE A 108 15.80 2.65 -21.22
CA ILE A 108 14.35 2.39 -21.22
C ILE A 108 13.92 1.72 -19.93
N VAL A 109 13.08 2.41 -19.16
CA VAL A 109 12.79 2.01 -17.78
C VAL A 109 11.30 1.86 -17.42
N GLN A 110 10.96 0.75 -16.76
CA GLN A 110 9.60 0.49 -16.29
C GLN A 110 9.54 0.38 -14.75
N ILE A 111 8.42 0.80 -14.17
CA ILE A 111 8.28 0.81 -12.72
C ILE A 111 7.76 -0.52 -12.23
N ASP A 112 8.60 -1.26 -11.53
CA ASP A 112 8.15 -2.45 -10.85
C ASP A 112 7.30 -2.12 -9.62
N LYS A 113 7.74 -1.16 -8.81
CA LYS A 113 7.04 -0.85 -7.58
C LYS A 113 7.03 0.65 -7.25
N GLU A 114 5.83 1.15 -6.94
CA GLU A 114 5.62 2.55 -6.57
C GLU A 114 6.55 2.95 -5.45
N GLU A 115 6.74 4.25 -5.27
CA GLU A 115 7.51 4.73 -4.13
C GLU A 115 6.83 4.32 -2.85
N ARG A 116 7.60 3.76 -1.94
CA ARG A 116 7.11 3.50 -0.60
C ARG A 116 8.03 4.15 0.43
N GLY A 117 7.44 4.82 1.42
CA GLY A 117 8.21 5.49 2.47
C GLY A 117 9.30 6.35 1.89
N ASN A 118 10.55 5.92 2.06
CA ASN A 118 11.71 6.68 1.61
C ASN A 118 12.24 6.24 0.26
N LYS A 119 12.17 4.94 0.00
CA LYS A 119 12.65 4.38 -1.25
C LYS A 119 12.08 5.19 -2.40
N GLY A 120 12.74 5.14 -3.55
CA GLY A 120 12.20 5.73 -4.75
C GLY A 120 11.20 4.76 -5.35
N ALA A 121 11.57 4.13 -6.46
CA ALA A 121 10.72 3.14 -7.08
C ALA A 121 11.63 2.11 -7.69
N ALA A 122 11.27 0.84 -7.59
CA ALA A 122 12.08 -0.20 -8.20
C ALA A 122 11.78 -0.17 -9.69
N LEU A 123 12.83 -0.22 -10.51
CA LEU A 123 12.66 -0.15 -11.95
C LEU A 123 13.31 -1.37 -12.60
N THR A 124 12.81 -1.78 -13.74
CA THR A 124 13.52 -2.76 -14.54
C THR A 124 13.60 -2.28 -15.98
N THR A 125 14.63 -2.74 -16.69
CA THR A 125 14.71 -2.43 -18.11
C THR A 125 14.00 -3.54 -18.87
N PHE A 126 13.78 -4.67 -18.18
CA PHE A 126 13.05 -5.78 -18.75
C PHE A 126 11.58 -5.42 -18.78
N ILE A 127 11.23 -4.58 -19.74
CA ILE A 127 9.87 -4.09 -19.88
C ILE A 127 8.89 -5.21 -20.20
N SER A 128 7.69 -5.10 -19.65
CA SER A 128 6.62 -6.06 -19.94
C SER A 128 5.36 -5.34 -20.36
N LEU A 129 4.71 -5.85 -21.40
CA LEU A 129 3.52 -5.23 -21.96
C LEU A 129 2.34 -6.19 -21.89
N ALA A 130 1.39 -5.88 -21.01
CA ALA A 130 0.26 -6.76 -20.77
C ALA A 130 -0.91 -6.46 -21.69
N GLY A 131 -1.44 -7.48 -22.33
CA GLY A 131 -2.69 -7.34 -23.07
C GLY A 131 -3.73 -8.19 -22.37
N SER A 132 -4.87 -8.40 -23.01
CA SER A 132 -5.89 -9.26 -22.42
C SER A 132 -5.40 -10.69 -22.27
N TYR A 133 -4.79 -11.25 -23.32
CA TYR A 133 -4.42 -12.66 -23.31
C TYR A 133 -2.93 -12.96 -23.22
N LEU A 134 -2.12 -11.93 -23.41
CA LEU A 134 -0.68 -12.11 -23.53
C LEU A 134 0.07 -11.09 -22.72
N VAL A 135 1.27 -11.45 -22.33
CA VAL A 135 2.20 -10.44 -21.83
C VAL A 135 3.50 -10.57 -22.61
N LEU A 136 3.87 -9.49 -23.27
CA LEU A 136 5.09 -9.48 -24.04
C LEU A 136 6.25 -8.99 -23.20
N MET A 137 7.38 -9.68 -23.29
CA MET A 137 8.59 -9.24 -22.63
C MET A 137 9.61 -9.00 -23.72
N PRO A 138 9.39 -7.96 -24.55
CA PRO A 138 10.21 -7.73 -25.74
C PRO A 138 11.68 -7.74 -25.40
N ASN A 139 11.98 -7.47 -24.13
CA ASN A 139 13.33 -7.24 -23.70
C ASN A 139 14.06 -8.51 -23.32
N ASN A 140 13.34 -9.60 -23.11
CA ASN A 140 14.03 -10.85 -22.81
C ASN A 140 13.29 -12.13 -23.17
N PRO A 141 13.97 -13.03 -23.87
CA PRO A 141 13.38 -14.32 -24.25
C PRO A 141 13.32 -15.29 -23.07
N ARG A 142 14.25 -15.15 -22.14
CA ARG A 142 14.42 -16.11 -21.06
C ARG A 142 13.08 -16.42 -20.40
N ALA A 143 12.05 -15.67 -20.77
CA ALA A 143 10.80 -15.65 -20.04
C ALA A 143 9.61 -15.97 -20.94
N GLY A 144 8.65 -16.72 -20.41
CA GLY A 144 7.43 -17.04 -21.14
C GLY A 144 6.75 -18.28 -20.62
N GLY A 145 5.52 -18.50 -21.07
CA GLY A 145 4.76 -19.70 -20.69
C GLY A 145 3.25 -19.59 -20.55
N ILE A 146 2.69 -20.43 -19.67
CA ILE A 146 1.24 -20.49 -19.42
C ILE A 146 0.90 -20.08 -18.00
N SER A 147 -0.15 -19.27 -17.83
CA SER A 147 -0.65 -18.98 -16.50
C SER A 147 -0.73 -20.28 -15.69
N ARG A 148 0.00 -20.32 -14.58
CA ARG A 148 0.00 -21.53 -13.75
C ARG A 148 -1.42 -21.81 -13.24
N ARG A 149 -2.34 -20.91 -13.55
CA ARG A 149 -3.74 -21.06 -13.16
C ARG A 149 -4.50 -21.91 -14.18
N ILE A 150 -3.82 -22.29 -15.25
CA ILE A 150 -4.44 -23.07 -16.32
C ILE A 150 -4.07 -24.55 -16.21
N GLU A 157 -4.13 -27.42 -25.84
CA GLU A 157 -3.92 -26.89 -27.19
C GLU A 157 -3.10 -25.60 -27.14
N LEU A 158 -2.77 -25.15 -25.94
CA LEU A 158 -2.34 -23.77 -25.72
C LEU A 158 -0.82 -23.67 -25.72
N LYS A 159 -0.16 -24.63 -25.08
CA LYS A 159 1.13 -25.11 -25.56
C LYS A 159 1.17 -25.19 -27.08
N GLU A 160 0.07 -25.67 -27.67
CA GLU A 160 0.04 -25.95 -29.10
C GLU A 160 -0.16 -24.67 -29.91
N ALA A 161 -0.86 -23.70 -29.32
CA ALA A 161 -1.17 -22.46 -30.01
C ALA A 161 -0.12 -21.39 -29.74
N LEU A 162 0.47 -21.44 -28.55
CA LEU A 162 1.61 -20.60 -28.22
C LEU A 162 2.73 -20.77 -29.25
N ALA A 163 3.07 -22.03 -29.55
CA ALA A 163 4.16 -22.34 -30.45
C ALA A 163 3.96 -21.66 -31.80
N SER A 164 2.71 -21.49 -32.20
CA SER A 164 2.37 -21.05 -33.56
C SER A 164 2.44 -19.54 -33.80
N LEU A 165 2.36 -18.74 -32.74
CA LEU A 165 2.50 -17.29 -32.91
C LEU A 165 3.89 -17.03 -33.56
N GLU A 166 4.03 -15.84 -34.16
CA GLU A 166 5.32 -15.43 -34.71
C GLU A 166 6.02 -14.37 -33.83
N LEU A 167 6.72 -14.82 -32.77
CA LEU A 167 7.43 -13.90 -31.88
C LEU A 167 8.88 -13.69 -32.34
N PRO A 168 9.29 -12.43 -32.55
CA PRO A 168 10.67 -12.05 -32.84
C PRO A 168 11.69 -12.69 -31.90
N GLU A 169 12.78 -13.21 -32.46
CA GLU A 169 13.77 -14.00 -31.73
C GLU A 169 14.13 -13.50 -30.32
N GLY A 170 14.50 -12.22 -30.21
CA GLY A 170 15.04 -11.70 -28.95
C GLY A 170 14.05 -11.55 -27.82
N MET A 171 12.85 -12.09 -27.98
CA MET A 171 11.79 -11.85 -27.00
C MET A 171 10.90 -13.06 -26.67
N GLY A 172 10.43 -13.11 -25.42
CA GLY A 172 9.52 -14.15 -24.95
C GLY A 172 8.18 -13.56 -24.53
N LEU A 173 7.19 -14.42 -24.32
CA LEU A 173 5.85 -13.95 -23.97
C LEU A 173 5.08 -14.93 -23.08
N ILE A 174 4.09 -14.41 -22.37
CA ILE A 174 3.24 -15.25 -21.51
C ILE A 174 1.77 -15.21 -21.91
N VAL A 175 1.17 -16.40 -21.93
CA VAL A 175 -0.26 -16.51 -22.14
C VAL A 175 -0.96 -16.32 -20.81
N ARG A 176 -1.91 -15.40 -20.80
CA ARG A 176 -2.59 -14.98 -19.59
C ARG A 176 -3.62 -15.99 -19.16
N THR A 177 -4.14 -15.86 -17.94
CA THR A 177 -5.19 -16.73 -17.47
C THR A 177 -6.44 -16.59 -18.34
N ALA A 178 -6.60 -15.44 -18.96
CA ALA A 178 -7.78 -15.20 -19.78
C ALA A 178 -7.67 -15.87 -21.14
N GLY A 179 -6.50 -16.39 -21.45
CA GLY A 179 -6.27 -17.09 -22.71
C GLY A 179 -7.09 -18.35 -22.84
N VAL A 180 -7.56 -18.87 -21.70
CA VAL A 180 -8.05 -20.23 -21.62
C VAL A 180 -9.01 -20.54 -22.75
N GLY A 181 -9.88 -19.58 -23.06
CA GLY A 181 -11.02 -19.83 -23.92
C GLY A 181 -10.86 -19.22 -25.29
N LYS A 182 -9.69 -18.65 -25.55
CA LYS A 182 -9.42 -17.98 -26.81
C LYS A 182 -8.53 -18.83 -27.71
N SER A 183 -8.51 -18.52 -29.00
CA SER A 183 -7.85 -19.35 -29.99
C SER A 183 -6.53 -18.73 -30.44
N ALA A 184 -5.88 -19.37 -31.41
CA ALA A 184 -4.57 -18.92 -31.87
C ALA A 184 -4.64 -17.53 -32.53
N GLU A 185 -5.36 -17.50 -33.68
CA GLU A 185 -5.48 -16.25 -34.41
C GLU A 185 -5.83 -15.12 -33.46
N ALA A 186 -6.61 -15.44 -32.42
CA ALA A 186 -6.98 -14.44 -31.41
C ALA A 186 -5.78 -13.96 -30.57
N LEU A 187 -4.89 -14.88 -30.21
CA LEU A 187 -3.67 -14.49 -29.52
C LEU A 187 -2.83 -13.57 -30.42
N GLN A 188 -2.70 -13.93 -31.70
CA GLN A 188 -1.93 -13.13 -32.66
C GLN A 188 -2.44 -11.67 -32.74
N TRP A 189 -3.76 -11.51 -32.87
CA TRP A 189 -4.34 -10.17 -32.82
C TRP A 189 -3.75 -9.39 -31.64
N ASP A 190 -3.70 -10.04 -30.47
CA ASP A 190 -3.10 -9.47 -29.25
C ASP A 190 -1.59 -9.30 -29.45
N LEU A 191 -0.89 -10.42 -29.65
CA LEU A 191 0.57 -10.43 -29.84
C LEU A 191 1.05 -9.26 -30.66
N SER A 192 0.24 -8.83 -31.62
CA SER A 192 0.62 -7.74 -32.50
C SER A 192 0.45 -6.40 -31.83
N PHE A 193 -0.77 -6.08 -31.40
CA PHE A 193 -0.99 -4.82 -30.72
C PHE A 193 0.11 -4.56 -29.71
N ARG A 194 0.64 -5.65 -29.16
CA ARG A 194 1.76 -5.56 -28.23
C ARG A 194 2.98 -5.05 -28.97
N LEU A 195 3.36 -5.74 -30.04
CA LEU A 195 4.50 -5.36 -30.87
C LEU A 195 4.40 -3.94 -31.43
N LYS A 196 3.22 -3.54 -31.89
CA LYS A 196 3.01 -2.15 -32.29
C LYS A 196 3.52 -1.26 -31.17
N HIS A 197 2.83 -1.31 -30.04
CA HIS A 197 3.20 -0.54 -28.87
C HIS A 197 4.70 -0.52 -28.60
N TRP A 198 5.34 -1.69 -28.60
CA TRP A 198 6.76 -1.76 -28.35
C TRP A 198 7.53 -0.89 -29.35
N GLU A 199 7.18 -1.02 -30.63
CA GLU A 199 7.79 -0.21 -31.68
C GLU A 199 7.63 1.28 -31.38
N ALA A 200 6.40 1.68 -31.04
CA ALA A 200 6.14 3.06 -30.69
C ALA A 200 7.00 3.47 -29.50
N ILE A 201 7.14 2.58 -28.52
CA ILE A 201 7.93 2.85 -27.32
C ILE A 201 9.39 3.19 -27.66
N LYS A 202 10.10 2.24 -28.27
CA LYS A 202 11.53 2.42 -28.55
C LYS A 202 11.78 3.54 -29.56
N LYS A 203 10.72 4.03 -30.19
CA LYS A 203 10.82 5.11 -31.19
C LYS A 203 10.57 6.47 -30.56
N ALA A 204 9.56 6.54 -29.70
CA ALA A 204 9.29 7.76 -28.95
C ALA A 204 10.41 8.00 -27.95
N ALA A 205 11.41 7.12 -27.96
CA ALA A 205 12.57 7.26 -27.07
C ALA A 205 13.82 7.62 -27.87
N GLU A 206 13.99 6.98 -29.03
CA GLU A 206 15.11 7.26 -29.92
C GLU A 206 15.11 8.73 -30.29
N SER A 207 13.97 9.39 -30.12
CA SER A 207 13.76 10.73 -30.66
C SER A 207 13.54 11.75 -29.54
N ARG A 208 14.48 11.78 -28.60
CA ARG A 208 14.45 12.77 -27.53
C ARG A 208 15.71 12.71 -26.67
N PRO A 209 15.79 13.58 -25.68
CA PRO A 209 16.63 13.33 -24.50
C PRO A 209 15.81 12.76 -23.34
N ALA A 210 16.49 12.29 -22.31
CA ALA A 210 16.35 10.90 -21.88
C ALA A 210 15.72 10.81 -20.51
N PRO A 211 15.13 11.92 -20.05
CA PRO A 211 14.24 11.90 -18.88
C PRO A 211 12.84 12.36 -19.24
N PHE A 212 11.96 11.42 -19.57
CA PHE A 212 10.55 11.73 -19.79
C PHE A 212 9.68 10.48 -19.65
N LEU A 213 8.39 10.69 -19.40
CA LEU A 213 7.41 9.60 -19.45
C LEU A 213 7.15 9.12 -20.87
N ILE A 214 7.02 7.82 -21.06
CA ILE A 214 6.75 7.29 -22.39
C ILE A 214 5.35 6.68 -22.48
N HIS A 215 5.00 5.87 -21.48
CA HIS A 215 3.71 5.22 -21.48
C HIS A 215 3.09 5.25 -20.09
N GLN A 216 1.90 5.83 -20.02
CA GLN A 216 1.12 5.92 -18.80
C GLN A 216 0.22 4.71 -18.70
N GLU A 217 0.31 3.95 -17.61
CA GLU A 217 -0.50 2.77 -17.44
C GLU A 217 -1.96 3.14 -17.39
N SER A 218 -2.82 2.22 -17.77
CA SER A 218 -4.22 2.53 -17.92
C SER A 218 -4.91 2.73 -16.59
N ASN A 219 -6.06 3.40 -16.63
CA ASN A 219 -6.82 3.69 -15.42
C ASN A 219 -7.54 2.44 -14.86
N VAL A 220 -8.22 2.62 -13.72
CA VAL A 220 -8.76 1.52 -12.96
C VAL A 220 -9.83 0.70 -13.66
N ILE A 221 -10.57 1.29 -14.59
CA ILE A 221 -11.51 0.45 -15.30
C ILE A 221 -10.81 -0.38 -16.36
N VAL A 222 -10.03 0.26 -17.22
CA VAL A 222 -9.26 -0.52 -18.19
C VAL A 222 -8.51 -1.65 -17.48
N ARG A 223 -7.74 -1.33 -16.45
CA ARG A 223 -7.05 -2.36 -15.67
C ARG A 223 -8.01 -3.48 -15.23
N ALA A 224 -9.16 -3.11 -14.67
CA ALA A 224 -10.11 -4.12 -14.23
C ALA A 224 -10.45 -5.07 -15.38
N PHE A 225 -10.88 -4.49 -16.49
CA PHE A 225 -11.21 -5.25 -17.68
C PHE A 225 -10.06 -6.08 -18.20
N ARG A 226 -8.86 -5.53 -18.18
CA ARG A 226 -7.73 -6.24 -18.72
C ARG A 226 -7.34 -7.40 -17.83
N ASP A 227 -7.55 -7.25 -16.52
CA ASP A 227 -6.89 -8.10 -15.55
C ASP A 227 -7.82 -8.94 -14.70
N TYR A 228 -9.09 -8.59 -14.63
CA TYR A 228 -10.00 -9.24 -13.69
C TYR A 228 -11.17 -10.02 -14.28
N LEU A 229 -11.31 -9.97 -15.60
CA LEU A 229 -12.46 -10.57 -16.24
C LEU A 229 -12.22 -12.01 -16.63
N ARG A 230 -12.46 -12.93 -15.70
CA ARG A 230 -12.45 -14.33 -16.02
C ARG A 230 -13.77 -14.68 -16.73
N GLN A 231 -13.93 -15.94 -17.13
CA GLN A 231 -15.19 -16.35 -17.75
C GLN A 231 -16.37 -16.36 -16.77
N ASP A 232 -16.05 -16.67 -15.51
CA ASP A 232 -17.04 -16.82 -14.45
C ASP A 232 -17.53 -15.48 -13.93
N ILE A 233 -17.25 -14.41 -14.66
CA ILE A 233 -17.86 -13.17 -14.32
C ILE A 233 -19.14 -12.95 -15.10
N GLY A 234 -20.27 -13.05 -14.40
CA GLY A 234 -21.58 -13.03 -15.04
C GLY A 234 -22.05 -11.71 -15.63
N GLU A 235 -21.85 -10.61 -14.91
CA GLU A 235 -22.41 -9.34 -15.30
C GLU A 235 -21.46 -8.26 -14.86
N ILE A 236 -21.42 -7.18 -15.61
CA ILE A 236 -20.68 -6.00 -15.20
C ILE A 236 -21.70 -4.90 -15.08
N LEU A 237 -22.03 -4.51 -13.85
CA LEU A 237 -23.03 -3.47 -13.67
C LEU A 237 -22.34 -2.13 -13.57
N ILE A 238 -22.87 -1.13 -14.27
CA ILE A 238 -22.31 0.22 -14.18
C ILE A 238 -23.40 1.23 -13.92
N ASP A 239 -23.18 2.12 -12.97
CA ASP A 239 -24.25 2.99 -12.52
C ASP A 239 -24.20 4.38 -13.13
N ASN A 240 -23.46 4.52 -14.22
CA ASN A 240 -23.39 5.80 -14.88
C ASN A 240 -23.22 5.70 -16.39
N PRO A 241 -24.24 6.17 -17.13
CA PRO A 241 -24.36 6.10 -18.58
C PRO A 241 -23.09 6.54 -19.30
N LYS A 242 -22.61 7.74 -18.98
CA LYS A 242 -21.43 8.22 -19.69
C LYS A 242 -20.32 7.19 -19.51
N VAL A 243 -20.01 6.84 -18.28
CA VAL A 243 -18.97 5.85 -18.07
C VAL A 243 -19.24 4.55 -18.83
N LEU A 244 -20.44 3.99 -18.67
CA LEU A 244 -20.80 2.78 -19.39
C LEU A 244 -20.38 2.84 -20.86
N GLU A 245 -20.73 3.92 -21.55
CA GLU A 245 -20.33 4.05 -22.93
C GLU A 245 -18.83 3.92 -23.09
N LEU A 246 -18.08 4.61 -22.24
CA LEU A 246 -16.64 4.47 -22.28
C LEU A 246 -16.25 3.01 -22.14
N ALA A 247 -16.84 2.34 -21.17
CA ALA A 247 -16.57 0.92 -20.92
C ALA A 247 -16.72 0.08 -22.18
N ARG A 248 -17.83 0.26 -22.90
CA ARG A 248 -18.06 -0.53 -24.12
C ARG A 248 -16.85 -0.41 -25.02
N GLN A 249 -16.38 0.81 -25.23
CA GLN A 249 -15.24 1.03 -26.10
C GLN A 249 -13.99 0.36 -25.54
N HIS A 250 -13.84 0.39 -24.22
CA HIS A 250 -12.69 -0.26 -23.58
C HIS A 250 -12.70 -1.77 -23.82
N ILE A 251 -13.86 -2.39 -23.71
CA ILE A 251 -13.96 -3.81 -23.98
C ILE A 251 -13.60 -4.14 -25.42
N ALA A 252 -14.33 -3.55 -26.36
CA ALA A 252 -14.05 -3.75 -27.77
C ALA A 252 -12.57 -3.53 -28.03
N ALA A 253 -12.10 -2.31 -27.77
CA ALA A 253 -10.69 -2.00 -27.96
C ALA A 253 -9.79 -3.03 -27.30
N LEU A 254 -10.25 -3.62 -26.19
CA LEU A 254 -9.43 -4.55 -25.43
C LEU A 254 -9.54 -5.97 -25.99
N GLY A 255 -10.33 -6.11 -27.05
CA GLY A 255 -10.50 -7.40 -27.73
C GLY A 255 -11.27 -8.40 -26.89
N ARG A 256 -12.47 -8.02 -26.47
CA ARG A 256 -13.29 -8.89 -25.62
C ARG A 256 -14.78 -8.77 -25.95
N PRO A 257 -15.14 -8.95 -27.22
CA PRO A 257 -16.53 -8.88 -27.63
C PRO A 257 -17.45 -9.71 -26.73
N ASP A 258 -16.97 -10.88 -26.33
CA ASP A 258 -17.72 -11.81 -25.50
C ASP A 258 -18.20 -11.23 -24.16
N PHE A 259 -17.77 -10.02 -23.82
CA PHE A 259 -18.26 -9.38 -22.61
C PHE A 259 -19.28 -8.26 -22.84
N SER A 260 -19.34 -7.78 -24.08
CA SER A 260 -20.31 -6.76 -24.44
C SER A 260 -21.71 -7.03 -23.93
N SER A 261 -22.24 -8.22 -24.19
CA SER A 261 -23.59 -8.53 -23.73
C SER A 261 -23.65 -8.39 -22.22
N LYS A 262 -22.52 -8.62 -21.57
CA LYS A 262 -22.49 -8.65 -20.11
C LYS A 262 -22.49 -7.29 -19.40
N ILE A 263 -22.17 -6.23 -20.13
CA ILE A 263 -22.17 -4.92 -19.53
C ILE A 263 -23.57 -4.35 -19.51
N LYS A 264 -24.05 -3.92 -18.34
CA LYS A 264 -25.42 -3.45 -18.20
C LYS A 264 -25.50 -2.23 -17.31
N LEU A 265 -26.17 -1.21 -17.81
CA LEU A 265 -26.45 -0.02 -17.01
C LEU A 265 -27.29 -0.40 -15.79
N TYR A 266 -26.89 0.09 -14.62
CA TYR A 266 -27.71 -0.11 -13.42
C TYR A 266 -28.57 1.11 -13.26
N THR A 267 -29.83 0.95 -12.87
CA THR A 267 -30.67 2.16 -12.78
C THR A 267 -31.53 2.31 -11.53
N GLY A 268 -31.44 1.38 -10.60
CA GLY A 268 -32.15 1.53 -9.31
C GLY A 268 -31.92 2.92 -8.71
N GLU A 269 -32.82 3.35 -7.82
CA GLU A 269 -32.61 4.61 -7.09
C GLU A 269 -31.68 4.31 -5.92
N ILE A 270 -31.88 3.13 -5.32
CA ILE A 270 -30.95 2.59 -4.32
C ILE A 270 -29.59 2.39 -4.99
N PRO A 271 -28.56 3.09 -4.50
CA PRO A 271 -27.25 2.98 -5.14
C PRO A 271 -26.73 1.54 -5.24
N LEU A 272 -26.08 1.24 -6.37
CA LEU A 272 -25.54 -0.08 -6.71
C LEU A 272 -24.96 -0.82 -5.51
N PHE A 273 -23.91 -0.25 -4.92
CA PHE A 273 -23.20 -0.93 -3.84
C PHE A 273 -24.14 -1.17 -2.67
N SER A 274 -25.12 -0.32 -2.49
CA SER A 274 -26.08 -0.58 -1.42
C SER A 274 -27.06 -1.68 -1.80
N HIS A 275 -27.49 -1.69 -3.06
CA HIS A 275 -28.39 -2.72 -3.50
C HIS A 275 -27.79 -4.11 -3.33
N TYR A 276 -26.49 -4.23 -3.60
CA TYR A 276 -25.81 -5.49 -3.44
C TYR A 276 -25.21 -5.63 -2.05
N GLN A 277 -25.48 -4.68 -1.17
CA GLN A 277 -25.13 -4.82 0.23
C GLN A 277 -23.66 -5.00 0.47
N ILE A 278 -22.80 -4.26 -0.21
CA ILE A 278 -21.39 -4.44 0.07
C ILE A 278 -20.80 -3.23 0.82
N GLU A 279 -21.60 -2.19 1.03
CA GLU A 279 -21.01 -1.00 1.60
C GLU A 279 -20.40 -1.20 3.00
N SER A 280 -21.03 -2.03 3.83
CA SER A 280 -20.49 -2.25 5.15
C SER A 280 -19.23 -3.10 5.07
N GLN A 281 -19.21 -4.06 4.14
CA GLN A 281 -18.01 -4.87 3.93
C GLN A 281 -16.89 -3.97 3.43
N ILE A 282 -17.20 -3.05 2.53
CA ILE A 282 -16.16 -2.11 2.09
C ILE A 282 -15.65 -1.35 3.30
N GLU A 283 -16.57 -0.89 4.14
CA GLU A 283 -16.14 -0.17 5.33
C GLU A 283 -15.26 -1.01 6.26
N SER A 284 -15.51 -2.33 6.31
CA SER A 284 -14.73 -3.15 7.20
C SER A 284 -13.24 -2.98 6.87
N ALA A 285 -12.92 -2.72 5.61
CA ALA A 285 -11.52 -2.53 5.29
C ALA A 285 -10.88 -1.40 6.10
N PHE A 286 -11.69 -0.41 6.45
CA PHE A 286 -11.14 0.75 7.13
C PHE A 286 -11.14 0.61 8.63
N GLN A 287 -11.65 -0.49 9.18
CA GLN A 287 -11.69 -0.66 10.64
C GLN A 287 -10.51 -1.44 11.18
N ARG A 288 -10.19 -1.23 12.45
CA ARG A 288 -9.12 -1.95 13.08
C ARG A 288 -9.60 -3.36 13.45
N GLU A 289 -10.84 -3.46 13.92
CA GLU A 289 -11.47 -4.72 14.28
C GLU A 289 -12.52 -5.14 13.24
N VAL A 290 -12.60 -6.42 12.91
CA VAL A 290 -13.64 -6.94 12.01
C VAL A 290 -14.37 -8.15 12.58
N ARG A 291 -15.67 -8.05 12.82
CA ARG A 291 -16.39 -9.20 13.35
C ARG A 291 -16.36 -10.40 12.41
N LEU A 292 -16.28 -11.62 12.97
CA LEU A 292 -16.43 -12.84 12.20
C LEU A 292 -17.86 -13.37 12.31
N PRO A 293 -18.27 -14.19 11.36
CA PRO A 293 -19.65 -14.68 11.33
C PRO A 293 -20.13 -15.20 12.68
N SER A 294 -19.30 -15.94 13.40
CA SER A 294 -19.78 -16.55 14.64
C SER A 294 -19.63 -15.71 15.90
N GLY A 295 -19.25 -14.44 15.77
CA GLY A 295 -19.14 -13.61 16.95
C GLY A 295 -17.76 -13.08 17.31
N GLY A 296 -16.72 -13.88 17.13
CA GLY A 296 -15.37 -13.39 17.38
C GLY A 296 -14.94 -12.28 16.43
N SER A 297 -13.64 -12.01 16.40
CA SER A 297 -13.15 -10.97 15.50
C SER A 297 -11.66 -11.08 15.25
N ILE A 298 -11.20 -10.36 14.25
CA ILE A 298 -9.78 -10.17 14.09
C ILE A 298 -9.50 -8.70 14.30
N VAL A 299 -8.29 -8.40 14.77
CA VAL A 299 -7.88 -7.02 15.04
C VAL A 299 -6.58 -6.87 14.28
N ILE A 300 -6.51 -5.85 13.43
CA ILE A 300 -5.39 -5.67 12.53
C ILE A 300 -4.60 -4.43 12.92
N ASP A 301 -3.32 -4.59 13.19
CA ASP A 301 -2.50 -3.48 13.63
C ASP A 301 -1.34 -3.41 12.69
N SER A 302 -0.97 -2.22 12.29
CA SER A 302 0.19 -2.19 11.45
C SER A 302 1.32 -1.49 12.18
N THR A 303 2.55 -1.91 11.95
CA THR A 303 3.69 -1.41 12.71
C THR A 303 4.77 -1.07 11.73
N GLU A 304 5.87 -0.51 12.21
CA GLU A 304 6.99 -0.26 11.35
C GLU A 304 7.36 -1.53 10.58
N ALA A 305 7.66 -2.59 11.32
CA ALA A 305 8.15 -3.84 10.73
C ALA A 305 7.14 -4.67 9.87
N LEU A 306 5.84 -4.51 10.12
CA LEU A 306 4.97 -5.62 9.81
C LEU A 306 3.53 -5.41 10.24
N THR A 307 2.63 -6.24 9.73
CA THR A 307 1.23 -6.13 10.10
C THR A 307 0.92 -7.26 11.06
N ALA A 308 0.37 -6.92 12.22
CA ALA A 308 0.04 -7.93 13.20
C ALA A 308 -1.47 -8.05 13.27
N ILE A 309 -1.96 -9.28 13.27
CA ILE A 309 -3.39 -9.56 13.35
C ILE A 309 -3.68 -10.47 14.53
N ASP A 310 -4.56 -10.06 15.41
CA ASP A 310 -4.91 -10.88 16.56
C ASP A 310 -6.29 -11.49 16.35
N ILE A 311 -6.65 -12.48 17.16
CA ILE A 311 -7.91 -13.17 16.98
C ILE A 311 -8.58 -13.46 18.29
N ASN A 312 -9.84 -13.03 18.44
CA ASN A 312 -10.60 -13.21 19.68
C ASN A 312 -11.81 -14.02 19.37
N SER A 313 -12.31 -14.78 20.34
CA SER A 313 -13.49 -15.61 20.14
C SER A 313 -14.70 -15.01 20.85
N ALA A 314 -15.86 -15.63 20.64
CA ALA A 314 -17.11 -14.89 20.53
C ALA A 314 -17.63 -14.46 21.89
N ARG A 315 -17.93 -15.44 22.74
CA ARG A 315 -18.52 -15.17 24.04
C ARG A 315 -18.03 -16.17 25.09
N GLY A 320 -20.32 -25.74 25.67
CA GLY A 320 -19.63 -25.29 24.46
C GLY A 320 -18.17 -25.69 24.41
N ASP A 321 -17.81 -26.58 23.49
CA ASP A 321 -16.45 -27.07 23.44
C ASP A 321 -15.44 -25.95 23.20
N ILE A 322 -14.50 -25.77 24.12
CA ILE A 322 -13.43 -24.82 23.94
C ILE A 322 -12.60 -25.15 22.70
N GLU A 323 -12.15 -26.40 22.63
CA GLU A 323 -11.37 -26.86 21.51
C GLU A 323 -12.04 -26.53 20.20
N GLU A 324 -13.34 -26.79 20.14
CA GLU A 324 -14.17 -26.60 18.96
C GLU A 324 -14.31 -25.12 18.64
N THR A 325 -14.59 -24.31 19.66
CA THR A 325 -14.64 -22.86 19.49
C THR A 325 -13.34 -22.27 18.93
N ALA A 326 -12.21 -22.66 19.50
CA ALA A 326 -10.96 -22.08 19.05
C ALA A 326 -10.77 -22.43 17.58
N PHE A 327 -11.16 -23.64 17.24
CA PHE A 327 -10.96 -24.15 15.90
C PHE A 327 -11.88 -23.38 14.94
N ASN A 328 -13.18 -23.42 15.19
CA ASN A 328 -14.09 -22.79 14.30
C ASN A 328 -13.78 -21.31 14.16
N THR A 329 -13.39 -20.65 15.24
CA THR A 329 -13.09 -19.24 15.13
C THR A 329 -11.86 -19.01 14.30
N ASN A 330 -10.80 -19.78 14.55
CA ASN A 330 -9.60 -19.61 13.77
C ASN A 330 -9.90 -19.83 12.27
N LEU A 331 -10.76 -20.80 11.95
CA LEU A 331 -11.10 -21.05 10.54
C LEU A 331 -11.82 -19.85 9.93
N GLU A 332 -12.83 -19.35 10.62
CA GLU A 332 -13.49 -18.13 10.17
C GLU A 332 -12.46 -17.01 9.96
N ALA A 333 -11.53 -16.89 10.90
CA ALA A 333 -10.55 -15.84 10.79
C ALA A 333 -9.70 -16.00 9.52
N ALA A 334 -9.34 -17.25 9.20
CA ALA A 334 -8.46 -17.43 8.06
C ALA A 334 -9.17 -16.87 6.84
N ASP A 335 -10.46 -17.15 6.71
CA ASP A 335 -11.23 -16.63 5.60
C ASP A 335 -11.21 -15.12 5.60
N GLU A 336 -11.56 -14.52 6.72
CA GLU A 336 -11.66 -13.07 6.76
C GLU A 336 -10.32 -12.41 6.53
N ILE A 337 -9.26 -13.02 7.04
CA ILE A 337 -7.96 -12.39 6.85
C ILE A 337 -7.65 -12.37 5.36
N ALA A 338 -7.83 -13.52 4.71
CA ALA A 338 -7.57 -13.60 3.29
C ALA A 338 -8.26 -12.45 2.53
N ARG A 339 -9.53 -12.16 2.81
CA ARG A 339 -10.10 -11.03 2.08
C ARG A 339 -9.64 -9.67 2.57
N GLN A 340 -9.47 -9.51 3.88
CA GLN A 340 -8.98 -8.23 4.37
C GLN A 340 -7.64 -7.92 3.72
N LEU A 341 -6.81 -8.95 3.56
CA LEU A 341 -5.51 -8.74 2.95
C LEU A 341 -5.69 -8.08 1.61
N ARG A 342 -6.70 -8.54 0.85
CA ARG A 342 -6.91 -8.04 -0.49
C ARG A 342 -7.57 -6.67 -0.46
N LEU A 343 -8.68 -6.57 0.27
CA LEU A 343 -9.38 -5.29 0.34
C LEU A 343 -8.46 -4.17 0.83
N ARG A 344 -7.62 -4.47 1.81
CA ARG A 344 -6.80 -3.42 2.40
C ARG A 344 -5.54 -3.22 1.61
N ASP A 345 -5.32 -4.09 0.62
CA ASP A 345 -4.04 -4.10 -0.07
C ASP A 345 -2.88 -4.15 0.91
N LEU A 346 -2.96 -5.04 1.90
CA LEU A 346 -1.82 -5.27 2.80
C LEU A 346 -0.71 -6.05 2.12
N GLY A 347 0.53 -5.63 2.32
CA GLY A 347 1.66 -6.29 1.70
C GLY A 347 2.83 -6.38 2.66
N GLY A 348 3.83 -7.16 2.28
CA GLY A 348 4.97 -7.36 3.13
C GLY A 348 4.71 -8.47 4.14
N LEU A 349 5.40 -8.39 5.26
CA LEU A 349 5.36 -9.34 6.33
C LEU A 349 4.09 -9.19 7.14
N ILE A 350 3.39 -10.28 7.37
CA ILE A 350 2.20 -10.28 8.16
C ILE A 350 2.27 -11.40 9.17
N VAL A 351 1.92 -11.12 10.41
CA VAL A 351 2.05 -12.09 11.47
C VAL A 351 0.69 -12.29 12.10
N ILE A 352 0.25 -13.55 12.19
CA ILE A 352 -1.11 -13.85 12.64
C ILE A 352 -1.09 -14.62 13.93
N ASP A 353 -1.90 -14.17 14.88
CA ASP A 353 -1.91 -14.79 16.19
C ASP A 353 -3.19 -15.57 16.41
N PHE A 354 -3.27 -16.78 15.86
CA PHE A 354 -4.48 -17.57 15.98
C PHE A 354 -4.65 -17.98 17.41
N ILE A 355 -5.88 -18.31 17.79
CA ILE A 355 -6.11 -18.81 19.14
C ILE A 355 -5.38 -20.12 19.32
N ASP A 356 -4.88 -20.36 20.51
CA ASP A 356 -4.18 -21.59 20.81
C ASP A 356 -5.00 -22.82 20.50
N MET A 357 -4.38 -23.83 19.88
CA MET A 357 -5.06 -25.10 19.68
C MET A 357 -4.20 -26.25 20.18
N THR A 358 -4.71 -27.10 21.05
CA THR A 358 -3.81 -28.13 21.51
C THR A 358 -3.51 -29.22 20.48
N PRO A 359 -4.52 -29.67 19.75
CA PRO A 359 -4.32 -30.72 18.73
C PRO A 359 -3.60 -30.23 17.48
N VAL A 360 -2.46 -30.80 17.16
CA VAL A 360 -1.65 -30.35 16.01
C VAL A 360 -2.42 -30.37 14.70
N ARG A 361 -3.34 -31.32 14.57
CA ARG A 361 -4.04 -31.47 13.34
C ARG A 361 -4.91 -30.24 13.16
N HIS A 362 -5.37 -29.66 14.26
CA HIS A 362 -6.05 -28.36 14.15
C HIS A 362 -5.13 -27.33 13.52
N GLN A 363 -3.88 -27.30 13.96
CA GLN A 363 -2.96 -26.33 13.43
C GLN A 363 -2.79 -26.46 11.93
N ARG A 364 -2.62 -27.68 11.42
CA ARG A 364 -2.50 -27.84 9.98
C ARG A 364 -3.78 -27.40 9.29
N ALA A 365 -4.94 -27.74 9.84
CA ALA A 365 -6.16 -27.42 9.17
C ALA A 365 -6.29 -25.89 9.05
N VAL A 366 -6.04 -25.17 10.13
CA VAL A 366 -6.08 -23.71 10.05
C VAL A 366 -5.11 -23.15 9.00
N GLU A 367 -3.84 -23.58 9.01
CA GLU A 367 -2.92 -23.19 7.94
C GLU A 367 -3.53 -23.50 6.59
N ASN A 368 -3.95 -24.74 6.36
CA ASN A 368 -4.46 -25.07 5.05
C ASN A 368 -5.64 -24.20 4.65
N ARG A 369 -6.50 -23.89 5.61
CA ARG A 369 -7.64 -23.04 5.35
C ARG A 369 -7.17 -21.72 4.75
N LEU A 370 -6.15 -21.13 5.37
CA LEU A 370 -5.59 -19.88 4.93
C LEU A 370 -4.99 -20.03 3.53
N ARG A 371 -4.24 -21.12 3.30
CA ARG A 371 -3.66 -21.32 1.98
C ARG A 371 -4.79 -21.32 0.99
N GLU A 372 -5.88 -22.00 1.34
CA GLU A 372 -6.97 -22.17 0.38
C GLU A 372 -7.61 -20.84 0.13
N ALA A 373 -7.68 -20.02 1.16
CA ALA A 373 -8.47 -18.82 1.11
C ALA A 373 -7.75 -17.78 0.27
N VAL A 374 -6.45 -17.89 0.12
CA VAL A 374 -5.71 -16.87 -0.61
C VAL A 374 -5.40 -17.35 -2.00
N ARG A 375 -5.88 -18.52 -2.35
CA ARG A 375 -5.54 -19.07 -3.65
C ARG A 375 -5.99 -18.14 -4.78
N GLN A 376 -7.12 -17.48 -4.60
CA GLN A 376 -7.66 -16.59 -5.64
C GLN A 376 -6.98 -15.22 -5.70
N ASP A 377 -6.18 -14.89 -4.70
CA ASP A 377 -5.45 -13.64 -4.65
C ASP A 377 -4.45 -13.55 -5.78
N ARG A 378 -4.28 -12.38 -6.35
CA ARG A 378 -3.32 -12.19 -7.42
C ARG A 378 -1.92 -11.97 -6.89
N ALA A 379 -1.78 -11.49 -5.66
CA ALA A 379 -0.43 -11.23 -5.15
C ALA A 379 0.28 -12.53 -4.86
N ARG A 380 1.57 -12.61 -5.14
CA ARG A 380 2.29 -13.78 -4.67
C ARG A 380 2.24 -13.83 -3.14
N ILE A 381 2.15 -15.03 -2.60
CA ILE A 381 2.03 -15.18 -1.17
C ILE A 381 2.83 -16.34 -0.65
N GLN A 382 3.33 -16.24 0.56
CA GLN A 382 4.04 -17.34 1.18
C GLN A 382 3.68 -17.43 2.62
N ILE A 383 3.23 -18.61 3.03
CA ILE A 383 2.80 -18.89 4.39
C ILE A 383 3.74 -19.91 5.05
N SER A 384 3.91 -19.85 6.36
CA SER A 384 4.69 -20.87 7.05
C SER A 384 3.78 -21.58 8.02
N HIS A 385 4.34 -22.26 9.01
CA HIS A 385 3.51 -23.01 9.96
C HIS A 385 3.31 -22.21 11.23
N ILE A 386 2.45 -22.71 12.11
CA ILE A 386 2.24 -22.06 13.38
C ILE A 386 3.47 -22.37 14.24
N SER A 387 4.05 -21.34 14.86
CA SER A 387 5.28 -21.49 15.66
C SER A 387 4.97 -22.12 17.00
N ARG A 388 5.99 -22.42 17.76
CA ARG A 388 5.73 -22.96 19.08
C ARG A 388 5.16 -21.89 19.98
N PHE A 389 5.12 -20.64 19.52
CA PHE A 389 4.55 -19.56 20.30
C PHE A 389 3.14 -19.26 19.82
N GLY A 390 2.70 -19.95 18.77
CA GLY A 390 1.34 -19.76 18.33
C GLY A 390 1.24 -18.77 17.20
N LEU A 391 2.37 -18.23 16.76
CA LEU A 391 2.34 -17.28 15.65
C LEU A 391 2.47 -17.97 14.29
N LEU A 392 1.76 -17.43 13.30
CA LEU A 392 1.94 -17.82 11.89
C LEU A 392 2.50 -16.63 11.12
N GLU A 393 3.64 -16.82 10.45
CA GLU A 393 4.22 -15.75 9.64
C GLU A 393 3.85 -15.93 8.18
N MET A 394 3.57 -14.85 7.47
CA MET A 394 3.32 -14.92 6.04
C MET A 394 3.78 -13.67 5.33
N SER A 395 3.92 -13.76 4.01
CA SER A 395 4.30 -12.59 3.24
C SER A 395 3.38 -12.48 2.03
N ARG A 396 3.06 -11.25 1.68
CA ARG A 396 2.18 -11.01 0.55
C ARG A 396 2.85 -9.94 -0.26
N GLN A 397 2.78 -10.10 -1.57
CA GLN A 397 3.44 -9.19 -2.48
C GLN A 397 2.72 -7.84 -2.51
N ARG A 398 3.47 -6.74 -2.54
CA ARG A 398 2.84 -5.42 -2.62
C ARG A 398 2.42 -5.14 -4.04
N LEU A 399 1.11 -5.13 -4.25
CA LEU A 399 0.56 -4.86 -5.58
C LEU A 399 0.34 -3.39 -5.79
N SER A 400 0.20 -2.67 -4.69
CA SER A 400 -0.03 -1.24 -4.72
C SER A 400 -0.17 -0.76 -3.28
N PRO A 401 -0.17 0.55 -3.07
CA PRO A 401 -0.10 1.03 -1.70
C PRO A 401 -1.33 0.57 -0.94
N SER A 402 -1.18 0.38 0.36
CA SER A 402 -2.28 -0.08 1.21
C SER A 402 -3.30 1.03 1.46
N LEU A 403 -4.45 0.66 2.03
CA LEU A 403 -5.43 1.66 2.46
C LEU A 403 -4.82 2.66 3.43
N GLY A 404 -3.99 2.15 4.32
CA GLY A 404 -3.36 2.96 5.34
C GLY A 404 -2.52 4.05 4.72
N GLU A 405 -1.71 3.69 3.72
CA GLU A 405 -0.84 4.70 3.13
C GLU A 405 -1.65 5.64 2.26
N SER A 406 -2.76 5.18 1.74
CA SER A 406 -3.37 5.95 0.69
C SER A 406 -4.63 6.68 1.09
N SER A 407 -5.29 6.26 2.14
CA SER A 407 -6.49 6.94 2.55
C SER A 407 -6.39 7.36 4.00
N HIS A 408 -5.20 7.26 4.56
CA HIS A 408 -5.03 7.68 5.92
C HIS A 408 -3.84 8.58 6.00
N HIS A 409 -3.62 9.15 7.19
CA HIS A 409 -2.41 9.90 7.45
C HIS A 409 -2.12 9.66 8.92
N VAL A 410 -0.85 9.83 9.30
CA VAL A 410 -0.44 9.58 10.67
C VAL A 410 -1.17 10.50 11.65
N CYS A 411 -1.80 9.90 12.66
CA CYS A 411 -2.35 10.67 13.78
C CYS A 411 -1.49 11.89 14.08
N PRO A 412 -2.14 13.02 14.28
CA PRO A 412 -1.43 14.28 14.57
C PRO A 412 -1.24 14.48 16.07
N ARG A 413 -1.74 13.53 16.86
CA ARG A 413 -1.82 13.72 18.31
C ARG A 413 -0.70 12.97 19.02
N CYS A 414 -0.95 11.71 19.34
CA CYS A 414 0.05 10.66 19.14
C CYS A 414 0.59 10.68 17.72
N SER A 415 1.90 10.49 17.58
CA SER A 415 2.56 10.57 16.28
C SER A 415 2.65 9.20 15.62
N GLY A 416 1.56 8.45 15.67
CA GLY A 416 1.53 7.10 15.13
C GLY A 416 1.62 6.05 16.20
N THR A 417 1.82 6.49 17.44
CA THR A 417 2.19 5.58 18.53
C THR A 417 0.95 4.97 19.17
N GLY A 418 -0.20 5.57 18.93
CA GLY A 418 -1.46 5.09 19.48
C GLY A 418 -1.60 5.36 20.96
N THR A 419 -0.60 5.93 21.62
CA THR A 419 -0.82 6.25 23.04
C THR A 419 -0.34 7.64 23.40
N VAL A 420 -0.73 8.14 24.58
CA VAL A 420 -0.24 9.42 25.06
C VAL A 420 0.20 9.38 26.53
N ARG A 421 1.43 9.84 26.81
CA ARG A 421 1.98 9.81 28.18
C ARG A 421 1.03 10.55 29.12
N ASP A 422 0.74 9.98 30.28
CA ASP A 422 -0.15 10.61 31.25
C ASP A 422 0.43 11.94 31.69
N ASN A 423 -0.42 12.86 32.16
CA ASN A 423 0.02 14.22 32.49
C ASN A 423 1.08 14.32 33.59
N GLU A 424 0.93 13.54 34.65
CA GLU A 424 1.88 13.66 35.75
C GLU A 424 3.25 13.14 35.29
N SER A 425 3.25 11.91 34.73
CA SER A 425 4.45 11.34 34.16
C SER A 425 5.15 12.37 33.31
N LEU A 426 4.41 12.96 32.38
CA LEU A 426 4.98 13.93 31.47
C LEU A 426 5.47 15.18 32.20
N SER A 427 4.67 15.64 33.16
CA SER A 427 5.01 16.84 33.88
C SER A 427 6.34 16.66 34.60
N LEU A 428 6.51 15.53 35.26
CA LEU A 428 7.74 15.33 35.99
C LEU A 428 8.92 15.20 35.03
N SER A 429 8.65 14.67 33.84
CA SER A 429 9.66 14.60 32.82
C SER A 429 10.14 16.03 32.51
N ILE A 430 9.17 16.90 32.26
CA ILE A 430 9.48 18.28 31.91
C ILE A 430 10.15 19.02 33.05
N LEU A 431 9.62 18.85 34.26
CA LEU A 431 10.28 19.41 35.42
C LEU A 431 11.76 19.02 35.46
N ARG A 432 12.09 17.75 35.28
CA ARG A 432 13.50 17.40 35.34
C ARG A 432 14.26 18.07 34.22
N LEU A 433 13.63 18.23 33.08
CA LEU A 433 14.31 18.81 31.95
C LEU A 433 14.57 20.29 32.22
N ILE A 434 13.59 20.95 32.85
CA ILE A 434 13.78 22.33 33.26
C ILE A 434 14.98 22.46 34.19
N GLU A 435 15.06 21.61 35.20
CA GLU A 435 16.13 21.77 36.14
C GLU A 435 17.47 21.59 35.46
N GLU A 436 17.56 20.61 34.55
CA GLU A 436 18.82 20.40 33.88
C GLU A 436 19.23 21.67 33.15
N GLU A 437 18.29 22.28 32.45
CA GLU A 437 18.66 23.46 31.70
C GLU A 437 19.16 24.54 32.65
N ALA A 438 18.47 24.67 33.78
CA ALA A 438 18.76 25.72 34.73
C ALA A 438 20.13 25.60 35.37
N LEU A 439 20.72 24.42 35.27
CA LEU A 439 22.02 24.12 35.88
C LEU A 439 23.18 24.54 35.01
N LYS A 440 22.96 24.62 33.70
CA LYS A 440 24.02 24.95 32.77
C LYS A 440 24.61 26.33 33.01
N GLU A 441 25.93 26.45 32.91
CA GLU A 441 26.62 27.72 33.04
C GLU A 441 26.01 28.74 32.07
N ASN A 442 25.99 30.00 32.48
CA ASN A 442 25.55 31.07 31.59
C ASN A 442 24.04 31.09 31.30
N THR A 443 23.27 30.36 32.08
CA THR A 443 21.82 30.33 31.89
C THR A 443 21.20 31.53 32.61
N GLN A 444 20.30 32.25 31.95
CA GLN A 444 19.60 33.36 32.61
C GLN A 444 18.16 33.00 32.95
N GLU A 445 17.45 32.42 32.00
CA GLU A 445 16.11 31.92 32.27
C GLU A 445 15.90 30.63 31.50
N VAL A 446 14.94 29.82 31.94
CA VAL A 446 14.48 28.72 31.10
C VAL A 446 12.99 28.87 30.89
N HIS A 447 12.56 28.82 29.65
CA HIS A 447 11.14 28.97 29.37
C HIS A 447 10.62 27.60 29.02
N ALA A 448 9.60 27.16 29.75
CA ALA A 448 8.96 25.89 29.43
C ALA A 448 7.61 26.23 28.86
N ILE A 449 7.35 25.82 27.62
CA ILE A 449 6.07 26.11 27.01
C ILE A 449 5.32 24.83 26.82
N VAL A 450 4.14 24.73 27.43
CA VAL A 450 3.54 23.42 27.66
C VAL A 450 2.03 23.51 27.64
N PRO A 451 1.37 22.37 27.43
CA PRO A 451 -0.08 22.31 27.44
C PRO A 451 -0.68 22.81 28.74
N VAL A 452 -1.92 23.26 28.65
CA VAL A 452 -2.56 23.89 29.78
C VAL A 452 -2.49 23.04 31.04
N PRO A 453 -2.94 21.78 30.96
CA PRO A 453 -2.92 20.98 32.21
C PRO A 453 -1.51 20.70 32.70
N ILE A 454 -0.55 20.54 31.80
CA ILE A 454 0.83 20.42 32.23
C ILE A 454 1.25 21.66 33.02
N ALA A 455 0.93 22.84 32.51
CA ALA A 455 1.22 24.08 33.24
C ALA A 455 0.56 24.05 34.60
N SER A 456 -0.70 23.65 34.63
CA SER A 456 -1.40 23.63 35.89
C SER A 456 -0.66 22.80 36.92
N TYR A 457 -0.25 21.61 36.50
CA TYR A 457 0.33 20.64 37.41
C TYR A 457 1.69 21.11 37.90
N LEU A 458 2.51 21.60 36.98
CA LEU A 458 3.83 22.07 37.38
C LEU A 458 3.71 23.23 38.34
N LEU A 459 2.76 24.14 38.10
CA LEU A 459 2.69 25.40 38.81
C LEU A 459 1.80 25.34 40.04
N ASN A 460 1.27 24.16 40.33
CA ASN A 460 0.49 23.94 41.54
C ASN A 460 1.01 22.73 42.29
N GLU A 461 0.59 21.53 41.88
CA GLU A 461 1.15 20.31 42.43
C GLU A 461 2.68 20.38 42.54
N LYS A 462 3.40 20.96 41.59
CA LYS A 462 4.88 20.98 41.66
C LYS A 462 5.47 22.34 41.96
N ARG A 463 4.69 23.23 42.56
CA ARG A 463 5.16 24.59 42.69
C ARG A 463 6.41 24.64 43.56
N SER A 464 6.44 23.78 44.59
CA SER A 464 7.61 23.71 45.46
C SER A 464 8.88 23.37 44.71
N ALA A 465 8.82 22.30 43.89
CA ALA A 465 9.97 21.94 43.10
C ALA A 465 10.41 23.14 42.28
N VAL A 466 9.51 23.66 41.46
CA VAL A 466 9.89 24.83 40.69
C VAL A 466 10.53 25.88 41.60
N ASN A 467 9.90 26.16 42.73
CA ASN A 467 10.50 27.11 43.65
C ASN A 467 11.91 26.72 44.06
N ALA A 468 12.10 25.49 44.52
CA ALA A 468 13.43 25.03 44.92
C ALA A 468 14.46 25.24 43.80
N ILE A 469 14.09 24.86 42.58
CA ILE A 469 15.02 25.06 41.47
C ILE A 469 15.49 26.49 41.43
N GLU A 470 14.56 27.43 41.49
CA GLU A 470 14.92 28.85 41.41
C GLU A 470 15.78 29.30 42.57
N THR A 471 15.64 28.63 43.71
CA THR A 471 16.36 29.07 44.88
C THR A 471 17.77 28.48 44.89
N ARG A 472 17.88 27.17 44.66
CA ARG A 472 19.19 26.58 44.42
C ARG A 472 19.98 27.28 43.31
N GLN A 473 19.40 27.42 42.13
CA GLN A 473 20.07 28.13 41.05
C GLN A 473 19.86 29.63 41.16
N ASP A 474 20.35 30.22 42.25
CA ASP A 474 20.09 31.64 42.47
C ASP A 474 20.19 32.43 41.16
N GLY A 475 19.20 33.28 40.91
CA GLY A 475 19.21 34.15 39.74
C GLY A 475 18.60 33.57 38.47
N VAL A 476 18.20 32.31 38.49
CA VAL A 476 17.63 31.72 37.30
C VAL A 476 16.10 31.72 37.32
N ARG A 477 15.49 32.39 36.35
CA ARG A 477 14.04 32.41 36.25
C ARG A 477 13.50 31.18 35.53
N CYS A 478 12.60 30.46 36.17
CA CYS A 478 11.89 29.41 35.46
C CYS A 478 10.50 29.86 35.10
N VAL A 479 10.30 30.14 33.83
CA VAL A 479 9.00 30.58 33.38
C VAL A 479 8.29 29.40 32.73
N ILE A 480 7.11 29.08 33.24
CA ILE A 480 6.39 27.93 32.75
C ILE A 480 5.06 28.44 32.23
N VAL A 481 4.85 28.42 30.91
CA VAL A 481 3.62 29.03 30.43
C VAL A 481 2.64 28.09 29.78
N PRO A 482 1.38 28.18 30.23
CA PRO A 482 0.36 27.29 29.67
C PRO A 482 0.04 27.79 28.30
N ASN A 483 -0.10 26.92 27.34
CA ASN A 483 -0.32 27.34 25.98
C ASN A 483 -1.47 26.57 25.34
N ASP A 484 -2.63 27.21 25.16
CA ASP A 484 -3.80 26.46 24.68
C ASP A 484 -3.67 25.92 23.24
N GLN A 485 -2.59 26.25 22.55
CA GLN A 485 -2.35 25.79 21.21
C GLN A 485 -1.57 24.46 21.15
N MET A 486 -1.21 23.93 22.31
CA MET A 486 -0.66 22.59 22.40
C MET A 486 -1.58 21.67 23.18
N GLU A 487 -1.56 20.38 22.82
CA GLU A 487 -2.09 19.33 23.68
C GLU A 487 -1.05 18.24 23.92
N THR A 488 -1.28 17.41 24.93
CA THR A 488 -0.21 16.69 25.59
C THR A 488 0.13 15.40 24.85
N PRO A 489 1.17 15.46 24.03
CA PRO A 489 2.53 15.13 24.49
C PRO A 489 3.50 16.28 24.23
N HIS A 490 3.07 17.28 23.46
CA HIS A 490 3.98 18.29 22.92
C HIS A 490 4.39 19.39 23.90
N TYR A 491 5.60 19.92 23.73
CA TYR A 491 6.07 20.98 24.59
C TYR A 491 7.43 21.48 24.15
N HIS A 492 7.85 22.65 24.62
CA HIS A 492 9.20 23.15 24.35
C HIS A 492 9.83 23.66 25.61
N VAL A 493 11.10 23.35 25.79
CA VAL A 493 11.84 23.92 26.88
C VAL A 493 13.03 24.62 26.29
N LEU A 494 12.96 25.90 26.27
CA LEU A 494 14.00 26.73 25.67
C LEU A 494 14.91 27.35 26.74
N ARG A 495 16.12 27.45 26.52
CA ARG A 495 17.02 27.99 27.51
C ARG A 495 17.42 29.39 27.03
N VAL A 496 17.54 30.33 27.95
CA VAL A 496 17.86 31.71 27.60
C VAL A 496 19.16 32.11 28.28
N ARG A 497 20.17 32.42 27.48
CA ARG A 497 21.49 32.75 28.00
C ARG A 497 21.52 34.14 28.62
N LYS A 498 22.50 34.36 29.49
CA LYS A 498 22.67 35.66 30.09
C LYS A 498 22.81 36.69 29.00
N GLY A 499 22.16 37.83 29.19
CA GLY A 499 22.24 38.93 28.23
C GLY A 499 21.18 38.90 27.14
N GLU A 500 20.64 37.72 26.82
CA GLU A 500 19.70 37.65 25.71
C GLU A 500 18.22 37.59 26.14
N GLU A 501 17.93 37.90 27.39
CA GLU A 501 16.54 37.91 27.86
C GLU A 501 15.85 39.21 27.47
N THR A 502 14.52 39.17 27.38
CA THR A 502 13.73 40.37 27.07
C THR A 502 12.78 40.72 28.21
N PRO A 503 12.08 41.85 28.09
CA PRO A 503 11.10 42.09 29.13
C PRO A 503 9.73 41.61 28.65
N THR A 504 9.70 40.47 27.98
CA THR A 504 8.44 39.96 27.44
C THR A 504 7.53 39.33 28.51
N LEU A 505 6.23 39.57 28.39
CA LEU A 505 5.26 39.00 29.31
C LEU A 505 5.15 37.49 29.12
N SER A 506 4.98 36.78 30.23
CA SER A 506 4.99 35.31 30.20
C SER A 506 4.11 34.77 29.08
N TYR A 507 2.92 35.37 28.92
CA TYR A 507 1.88 34.76 28.12
C TYR A 507 1.93 35.26 26.68
N MET A 508 2.76 36.27 26.44
CA MET A 508 3.12 36.65 25.07
C MET A 508 4.41 35.98 24.63
N LEU A 509 4.71 34.84 25.24
CA LEU A 509 6.04 34.24 25.14
C LEU A 509 6.07 33.15 24.08
N PRO A 510 5.07 32.28 24.10
CA PRO A 510 4.84 31.34 22.99
C PRO A 510 4.97 32.02 21.64
N LYS A 511 4.27 33.15 21.46
CA LYS A 511 4.27 33.86 20.20
C LYS A 511 5.67 34.33 19.82
N LEU A 512 6.40 34.84 20.82
CA LEU A 512 7.79 35.22 20.62
C LEU A 512 8.61 34.06 20.03
N HIS A 513 8.41 32.87 20.56
CA HIS A 513 9.25 31.73 20.24
C HIS A 513 8.71 30.97 19.03
N GLU A 514 7.55 31.38 18.55
CA GLU A 514 6.97 30.83 17.33
C GLU A 514 8.01 30.76 16.21
N GLU A 515 8.81 31.82 16.08
CA GLU A 515 9.87 31.86 15.08
C GLU A 515 10.98 30.87 15.41
N ALA A 516 10.75 30.05 16.44
CA ALA A 516 11.36 28.72 16.50
C ALA A 516 10.45 27.67 15.87
N MET A 517 9.44 27.25 16.63
CA MET A 517 9.65 26.45 17.82
C MET A 517 8.97 25.08 17.70
#